data_1X2B
#
_entry.id   1X2B
#
_cell.length_a   65.241
_cell.length_b   65.241
_cell.length_c   169.014
_cell.angle_alpha   90.00
_cell.angle_beta   90.00
_cell.angle_gamma   90.00
#
_symmetry.space_group_name_H-M   'P 43 21 2'
#
loop_
_entity.id
_entity.type
_entity.pdbx_description
1 polymer 'Proline iminopeptidase'
2 non-polymer 1-(5-TERT-BUTYL-1,3,4-OXADIAZOL-2-YL)-2-(METHYLAMINO)ETHANONE
3 water water
#
_entity_poly.entity_id   1
_entity_poly.type   'polypeptide(L)'
_entity_poly.pdbx_seq_one_letter_code
;MEQLRGLYPPLAAYDSGWLDTGDGHRIYWELSGNPNGKPAVFIHGGPGGGISPHHRQLFDPERYKVLLFDQRGCGRSRPH
ASLDNNTTWHLVADIERLREMAGVEQWLVFGGSWGSTLALAYAQTHPERVSEMVLRGIFTLRKQRLHWYYQDGASRFFPE
KWERVLSILSDDERKDVIAAYRQRLTSADPQVQLEAAKLWSVWEGETVTLLPSRESASFGEDDFALAFARIENHYFTHLG
FLESDDQLLRNVPLIRHIPAVIVHGRYDMACQVQNAWDLAKAWPEAELHIVEGAGHSYDEPGILHQLMIATDRFAGK
;
_entity_poly.pdbx_strand_id   A
#
# COMPACT_ATOMS: atom_id res chain seq x y z
N LEU A 4 6.33 24.67 1.97
CA LEU A 4 6.02 23.25 1.67
C LEU A 4 4.56 23.02 1.27
N ARG A 5 4.37 22.37 0.13
CA ARG A 5 3.04 22.06 -0.38
C ARG A 5 2.30 21.09 0.54
N GLY A 6 0.99 21.31 0.69
CA GLY A 6 0.18 20.45 1.52
C GLY A 6 -0.99 19.86 0.74
N LEU A 7 -1.91 19.24 1.45
CA LEU A 7 -3.09 18.65 0.82
C LEU A 7 -4.10 19.70 0.40
N TYR A 8 -4.88 19.40 -0.64
CA TYR A 8 -5.91 20.34 -1.06
C TYR A 8 -6.99 20.25 0.00
N PRO A 9 -7.90 21.25 0.04
CA PRO A 9 -8.96 21.20 1.07
C PRO A 9 -9.89 19.98 0.94
N PRO A 10 -10.52 19.58 2.06
CA PRO A 10 -11.44 18.45 2.15
C PRO A 10 -12.60 18.56 1.18
N LEU A 11 -13.08 17.42 0.70
CA LEU A 11 -14.19 17.39 -0.23
C LEU A 11 -14.82 16.01 -0.22
N ALA A 12 -16.12 15.96 -0.48
CA ALA A 12 -16.84 14.69 -0.50
C ALA A 12 -16.73 14.08 -1.89
N ALA A 13 -16.84 12.75 -1.97
CA ALA A 13 -16.79 12.08 -3.25
C ALA A 13 -18.09 12.45 -3.97
N TYR A 14 -18.05 12.58 -5.29
CA TYR A 14 -19.26 12.93 -6.02
C TYR A 14 -20.06 11.69 -6.42
N ASP A 15 -19.55 10.51 -6.08
CA ASP A 15 -20.23 9.26 -6.40
C ASP A 15 -19.48 8.10 -5.77
N SER A 16 -20.20 7.02 -5.50
CA SER A 16 -19.60 5.84 -4.90
C SER A 16 -20.54 4.64 -4.98
N GLY A 17 -20.04 3.48 -4.60
CA GLY A 17 -20.86 2.29 -4.65
C GLY A 17 -20.06 1.05 -4.34
N TRP A 18 -20.67 -0.10 -4.63
CA TRP A 18 -20.03 -1.38 -4.40
C TRP A 18 -20.08 -2.17 -5.72
N LEU A 19 -18.97 -2.81 -6.06
CA LEU A 19 -18.91 -3.58 -7.29
C LEU A 19 -18.74 -5.05 -6.95
N ASP A 20 -19.61 -5.88 -7.50
CA ASP A 20 -19.57 -7.31 -7.25
C ASP A 20 -18.56 -7.96 -8.18
N THR A 21 -17.61 -8.68 -7.59
CA THR A 21 -16.56 -9.36 -8.36
C THR A 21 -17.04 -10.66 -8.98
N GLY A 22 -18.13 -11.20 -8.46
CA GLY A 22 -18.65 -12.45 -8.99
C GLY A 22 -18.09 -13.68 -8.30
N ASP A 23 -17.09 -13.50 -7.44
CA ASP A 23 -16.52 -14.63 -6.73
C ASP A 23 -16.61 -14.47 -5.21
N GLY A 24 -17.57 -13.67 -4.77
CA GLY A 24 -17.78 -13.47 -3.34
C GLY A 24 -17.32 -12.13 -2.78
N HIS A 25 -16.96 -11.20 -3.64
CA HIS A 25 -16.52 -9.90 -3.15
C HIS A 25 -17.32 -8.74 -3.70
N ARG A 26 -17.62 -7.78 -2.82
CA ARG A 26 -18.33 -6.58 -3.19
C ARG A 26 -17.38 -5.50 -2.71
N ILE A 27 -16.67 -4.88 -3.66
CA ILE A 27 -15.68 -3.87 -3.31
C ILE A 27 -16.16 -2.42 -3.44
N TYR A 28 -15.88 -1.67 -2.38
CA TYR A 28 -16.25 -0.27 -2.29
C TYR A 28 -15.33 0.62 -3.13
N TRP A 29 -15.92 1.58 -3.83
CA TRP A 29 -15.18 2.51 -4.66
C TRP A 29 -15.87 3.87 -4.57
N GLU A 30 -15.14 4.92 -4.93
CA GLU A 30 -15.71 6.24 -4.90
C GLU A 30 -14.99 7.13 -5.91
N LEU A 31 -15.74 8.03 -6.54
CA LEU A 31 -15.18 8.93 -7.54
C LEU A 31 -15.13 10.32 -6.93
N SER A 32 -13.99 10.98 -7.11
CA SER A 32 -13.77 12.30 -6.55
C SER A 32 -13.04 13.24 -7.51
N GLY A 33 -13.26 14.54 -7.34
CA GLY A 33 -12.61 15.52 -8.20
C GLY A 33 -13.50 16.10 -9.29
N ASN A 34 -13.09 15.92 -10.54
CA ASN A 34 -13.79 16.45 -11.69
C ASN A 34 -14.21 15.31 -12.63
N PRO A 35 -15.52 15.06 -12.74
CA PRO A 35 -16.02 13.99 -13.62
C PRO A 35 -15.48 14.05 -15.04
N ASN A 36 -14.97 15.22 -15.42
CA ASN A 36 -14.41 15.41 -16.75
C ASN A 36 -12.89 15.58 -16.70
N GLY A 37 -12.35 15.60 -15.49
CA GLY A 37 -10.91 15.77 -15.32
C GLY A 37 -10.03 14.62 -15.80
N LYS A 38 -8.73 14.72 -15.53
CA LYS A 38 -7.80 13.68 -15.94
C LYS A 38 -7.98 12.47 -15.02
N PRO A 39 -8.21 11.29 -15.61
CA PRO A 39 -8.42 10.04 -14.85
C PRO A 39 -7.21 9.54 -14.06
N ALA A 40 -7.48 9.12 -12.83
CA ALA A 40 -6.46 8.60 -11.94
C ALA A 40 -7.05 7.57 -10.99
N VAL A 41 -6.21 6.64 -10.54
CA VAL A 41 -6.64 5.63 -9.59
C VAL A 41 -5.66 5.59 -8.42
N PHE A 42 -6.19 5.56 -7.21
CA PHE A 42 -5.40 5.54 -5.99
C PHE A 42 -5.32 4.12 -5.41
N ILE A 43 -4.11 3.61 -5.23
CA ILE A 43 -3.93 2.28 -4.65
C ILE A 43 -3.45 2.45 -3.21
N HIS A 44 -4.26 2.06 -2.23
CA HIS A 44 -3.87 2.18 -0.83
C HIS A 44 -2.82 1.13 -0.46
N GLY A 45 -2.21 1.29 0.70
CA GLY A 45 -1.18 0.34 1.11
C GLY A 45 -1.63 -0.79 2.01
N GLY A 46 -0.67 -1.42 2.68
CA GLY A 46 -0.98 -2.52 3.57
C GLY A 46 -0.21 -3.77 3.18
N PRO A 47 -0.84 -4.73 2.46
CA PRO A 47 -2.23 -4.72 2.01
C PRO A 47 -3.24 -4.69 3.16
N GLY A 48 -4.49 -4.39 2.83
CA GLY A 48 -5.55 -4.32 3.84
C GLY A 48 -5.61 -3.00 4.58
N GLY A 49 -4.92 -1.98 4.08
CA GLY A 49 -4.92 -0.68 4.73
C GLY A 49 -6.20 0.11 4.61
N GLY A 50 -6.80 0.11 3.42
CA GLY A 50 -8.02 0.87 3.21
C GLY A 50 -7.78 2.33 2.87
N ILE A 51 -8.80 2.97 2.27
CA ILE A 51 -8.69 4.38 1.91
C ILE A 51 -9.24 5.25 3.03
N SER A 52 -8.91 6.55 2.98
CA SER A 52 -9.41 7.49 3.96
C SER A 52 -9.80 8.72 3.17
N PRO A 53 -10.71 9.55 3.70
CA PRO A 53 -11.11 10.74 2.95
C PRO A 53 -9.96 11.64 2.53
N HIS A 54 -8.89 11.68 3.33
CA HIS A 54 -7.73 12.50 3.02
C HIS A 54 -7.04 12.13 1.71
N HIS A 55 -7.17 10.87 1.28
CA HIS A 55 -6.53 10.47 0.03
C HIS A 55 -7.14 11.20 -1.16
N ARG A 56 -8.34 11.73 -0.99
CA ARG A 56 -9.01 12.47 -2.07
C ARG A 56 -8.28 13.80 -2.29
N GLN A 57 -7.82 14.40 -1.19
CA GLN A 57 -7.14 15.68 -1.20
C GLN A 57 -5.73 15.64 -1.78
N LEU A 58 -5.31 14.48 -2.29
CA LEU A 58 -3.97 14.34 -2.89
C LEU A 58 -3.94 14.82 -4.34
N PHE A 59 -5.10 15.15 -4.89
CA PHE A 59 -5.18 15.59 -6.28
C PHE A 59 -5.98 16.86 -6.46
N ASP A 60 -5.55 17.66 -7.44
CA ASP A 60 -6.22 18.91 -7.77
C ASP A 60 -7.70 18.57 -8.01
N PRO A 61 -8.60 19.17 -7.21
CA PRO A 61 -10.03 18.92 -7.32
C PRO A 61 -10.65 19.30 -8.66
N GLU A 62 -10.01 20.22 -9.38
CA GLU A 62 -10.54 20.66 -10.65
C GLU A 62 -9.84 20.11 -11.87
N ARG A 63 -8.79 19.34 -11.67
CA ARG A 63 -8.08 18.77 -12.81
C ARG A 63 -8.09 17.24 -12.87
N TYR A 64 -8.37 16.62 -11.74
CA TYR A 64 -8.39 15.15 -11.66
C TYR A 64 -9.73 14.51 -11.38
N LYS A 65 -9.92 13.36 -12.01
CA LYS A 65 -11.09 12.51 -11.83
C LYS A 65 -10.43 11.32 -11.12
N VAL A 66 -10.55 11.27 -9.79
CA VAL A 66 -9.92 10.22 -9.01
C VAL A 66 -10.82 9.09 -8.55
N LEU A 67 -10.45 7.85 -8.89
CA LEU A 67 -11.21 6.69 -8.44
C LEU A 67 -10.41 6.04 -7.31
N LEU A 68 -11.04 5.91 -6.15
CA LEU A 68 -10.41 5.31 -4.99
C LEU A 68 -11.25 4.11 -4.58
N PHE A 69 -10.61 3.06 -4.08
CA PHE A 69 -11.36 1.89 -3.66
C PHE A 69 -10.63 1.08 -2.59
N ASP A 70 -11.40 0.37 -1.79
CA ASP A 70 -10.85 -0.47 -0.74
C ASP A 70 -10.59 -1.84 -1.38
N GLN A 71 -9.39 -2.36 -1.21
CA GLN A 71 -9.06 -3.66 -1.76
C GLN A 71 -9.82 -4.76 -1.01
N ARG A 72 -9.97 -5.91 -1.66
CA ARG A 72 -10.70 -7.02 -1.08
C ARG A 72 -10.42 -7.32 0.39
N GLY A 73 -11.49 -7.43 1.16
CA GLY A 73 -11.41 -7.74 2.57
C GLY A 73 -11.17 -6.61 3.56
N CYS A 74 -10.95 -5.38 3.09
CA CYS A 74 -10.69 -4.30 4.05
C CYS A 74 -11.53 -3.05 3.80
N GLY A 75 -11.56 -2.17 4.79
CA GLY A 75 -12.32 -0.94 4.68
C GLY A 75 -13.81 -1.18 4.59
N ARG A 76 -14.42 -0.70 3.51
CA ARG A 76 -15.86 -0.86 3.32
C ARG A 76 -16.18 -2.01 2.38
N SER A 77 -15.16 -2.75 1.96
CA SER A 77 -15.34 -3.90 1.06
C SER A 77 -15.74 -5.13 1.86
N ARG A 78 -16.72 -5.86 1.34
CA ARG A 78 -17.25 -7.05 2.00
C ARG A 78 -16.89 -8.30 1.20
N PRO A 79 -16.66 -9.43 1.87
CA PRO A 79 -16.68 -9.70 3.33
C PRO A 79 -15.44 -9.19 4.04
N HIS A 80 -15.63 -8.54 5.18
CA HIS A 80 -14.52 -7.99 5.95
C HIS A 80 -13.52 -9.04 6.48
N ALA A 81 -12.24 -8.75 6.30
CA ALA A 81 -11.16 -9.63 6.76
C ALA A 81 -11.14 -11.00 6.10
N SER A 82 -11.70 -11.08 4.90
CA SER A 82 -11.76 -12.32 4.16
C SER A 82 -10.49 -12.64 3.40
N LEU A 83 -9.98 -13.85 3.58
CA LEU A 83 -8.78 -14.27 2.89
C LEU A 83 -9.12 -15.19 1.73
N ASP A 84 -10.41 -15.34 1.41
CA ASP A 84 -10.82 -16.19 0.29
C ASP A 84 -10.67 -15.37 -0.97
N ASN A 85 -10.11 -15.99 -2.01
CA ASN A 85 -9.89 -15.34 -3.30
C ASN A 85 -9.27 -13.95 -3.14
N ASN A 86 -8.32 -13.85 -2.22
CA ASN A 86 -7.67 -12.59 -1.96
C ASN A 86 -6.17 -12.68 -2.31
N THR A 87 -5.85 -12.43 -3.58
CA THR A 87 -4.46 -12.48 -4.03
C THR A 87 -4.13 -11.28 -4.91
N THR A 88 -2.84 -11.09 -5.16
CA THR A 88 -2.36 -9.98 -5.98
C THR A 88 -3.07 -9.94 -7.33
N TRP A 89 -3.16 -11.09 -7.98
CA TRP A 89 -3.77 -11.18 -9.29
C TRP A 89 -5.27 -10.90 -9.36
N HIS A 90 -5.98 -11.16 -8.26
CA HIS A 90 -7.42 -10.87 -8.25
C HIS A 90 -7.56 -9.34 -8.16
N LEU A 91 -6.71 -8.73 -7.33
CA LEU A 91 -6.73 -7.28 -7.16
C LEU A 91 -6.39 -6.58 -8.48
N VAL A 92 -5.48 -7.17 -9.23
CA VAL A 92 -5.10 -6.61 -10.52
C VAL A 92 -6.33 -6.66 -11.41
N ALA A 93 -7.09 -7.74 -11.29
CA ALA A 93 -8.31 -7.94 -12.07
C ALA A 93 -9.35 -6.91 -11.67
N ASP A 94 -9.50 -6.72 -10.36
CA ASP A 94 -10.43 -5.75 -9.82
C ASP A 94 -10.17 -4.34 -10.35
N ILE A 95 -8.89 -3.99 -10.52
CA ILE A 95 -8.56 -2.65 -11.01
C ILE A 95 -9.04 -2.46 -12.44
N GLU A 96 -8.95 -3.52 -13.24
CA GLU A 96 -9.40 -3.46 -14.63
C GLU A 96 -10.92 -3.32 -14.59
N ARG A 97 -11.58 -4.12 -13.75
CA ARG A 97 -13.03 -4.06 -13.61
C ARG A 97 -13.46 -2.64 -13.29
N LEU A 98 -12.84 -2.05 -12.27
CA LEU A 98 -13.17 -0.70 -11.85
C LEU A 98 -12.92 0.30 -12.98
N ARG A 99 -11.88 0.03 -13.78
CA ARG A 99 -11.53 0.89 -14.90
C ARG A 99 -12.63 0.93 -15.96
N GLU A 100 -13.12 -0.24 -16.34
CA GLU A 100 -14.18 -0.35 -17.35
C GLU A 100 -15.44 0.38 -16.87
N MET A 101 -15.79 0.14 -15.61
CA MET A 101 -16.96 0.77 -15.02
C MET A 101 -16.89 2.30 -15.07
N ALA A 102 -15.78 2.86 -14.57
CA ALA A 102 -15.61 4.31 -14.57
C ALA A 102 -15.49 4.83 -16.00
N GLY A 103 -15.43 3.90 -16.95
CA GLY A 103 -15.33 4.26 -18.35
C GLY A 103 -14.05 4.98 -18.74
N VAL A 104 -12.94 4.66 -18.08
CA VAL A 104 -11.67 5.29 -18.40
C VAL A 104 -10.84 4.40 -19.31
N GLU A 105 -10.21 5.02 -20.31
CA GLU A 105 -9.42 4.28 -21.27
C GLU A 105 -7.99 4.09 -20.76
N GLN A 106 -7.50 5.11 -20.08
CA GLN A 106 -6.13 5.12 -19.56
C GLN A 106 -6.04 6.11 -18.40
N TRP A 107 -5.38 5.71 -17.32
CA TRP A 107 -5.26 6.62 -16.18
C TRP A 107 -3.91 6.62 -15.46
N LEU A 108 -3.72 7.64 -14.63
CA LEU A 108 -2.50 7.80 -13.86
C LEU A 108 -2.63 6.92 -12.62
N VAL A 109 -1.61 6.11 -12.36
CA VAL A 109 -1.63 5.24 -11.19
C VAL A 109 -0.82 5.84 -10.04
N PHE A 110 -1.50 6.13 -8.94
CA PHE A 110 -0.89 6.69 -7.73
C PHE A 110 -0.87 5.61 -6.64
N GLY A 111 0.32 5.27 -6.17
CA GLY A 111 0.39 4.25 -5.14
C GLY A 111 1.63 4.28 -4.29
N GLY A 112 1.44 4.12 -2.99
CA GLY A 112 2.56 4.10 -2.08
C GLY A 112 2.63 2.82 -1.27
N SER A 113 3.84 2.39 -0.94
CA SER A 113 4.06 1.19 -0.15
C SER A 113 3.49 -0.04 -0.84
N TRP A 114 2.61 -0.79 -0.19
CA TRP A 114 2.02 -1.95 -0.87
C TRP A 114 1.37 -1.41 -2.14
N GLY A 115 0.87 -0.18 -2.06
CA GLY A 115 0.24 0.43 -3.22
C GLY A 115 1.21 0.52 -4.39
N SER A 116 2.50 0.70 -4.11
CA SER A 116 3.49 0.77 -5.18
C SER A 116 3.72 -0.63 -5.72
N THR A 117 3.58 -1.62 -4.85
CA THR A 117 3.75 -3.01 -5.24
C THR A 117 2.65 -3.42 -6.23
N LEU A 118 1.40 -3.15 -5.85
CA LEU A 118 0.27 -3.51 -6.69
C LEU A 118 0.25 -2.63 -7.95
N ALA A 119 0.79 -1.42 -7.84
CA ALA A 119 0.84 -0.49 -8.97
C ALA A 119 1.77 -1.06 -10.04
N LEU A 120 2.92 -1.58 -9.61
CA LEU A 120 3.88 -2.15 -10.52
C LEU A 120 3.30 -3.42 -11.15
N ALA A 121 2.73 -4.28 -10.31
CA ALA A 121 2.15 -5.53 -10.81
C ALA A 121 1.07 -5.22 -11.83
N TYR A 122 0.24 -4.22 -11.53
CA TYR A 122 -0.82 -3.82 -12.44
C TYR A 122 -0.23 -3.25 -13.73
N ALA A 123 0.63 -2.25 -13.58
CA ALA A 123 1.26 -1.60 -14.73
C ALA A 123 1.97 -2.61 -15.64
N GLN A 124 2.68 -3.56 -15.05
CA GLN A 124 3.38 -4.56 -15.85
C GLN A 124 2.42 -5.55 -16.51
N THR A 125 1.20 -5.64 -15.99
CA THR A 125 0.22 -6.55 -16.55
C THR A 125 -0.62 -5.85 -17.61
N HIS A 126 -0.84 -4.55 -17.44
CA HIS A 126 -1.62 -3.77 -18.39
C HIS A 126 -0.94 -2.43 -18.66
N PRO A 127 0.26 -2.47 -19.27
CA PRO A 127 1.01 -1.25 -19.59
C PRO A 127 0.17 -0.24 -20.34
N GLU A 128 -0.63 -0.76 -21.27
CA GLU A 128 -1.49 0.05 -22.12
C GLU A 128 -2.45 0.99 -21.39
N ARG A 129 -2.81 0.64 -20.16
CA ARG A 129 -3.78 1.42 -19.38
C ARG A 129 -3.20 2.47 -18.41
N VAL A 130 -1.88 2.64 -18.40
CA VAL A 130 -1.26 3.59 -17.50
C VAL A 130 -0.58 4.74 -18.22
N SER A 131 -1.03 5.96 -17.95
CA SER A 131 -0.45 7.14 -18.58
C SER A 131 0.86 7.54 -17.89
N GLU A 132 0.83 7.60 -16.56
CA GLU A 132 1.99 7.92 -15.74
C GLU A 132 1.83 7.33 -14.34
N MET A 133 2.93 7.30 -13.57
CA MET A 133 2.88 6.73 -12.25
C MET A 133 3.58 7.55 -11.19
N VAL A 134 2.95 7.68 -10.03
CA VAL A 134 3.55 8.39 -8.92
C VAL A 134 3.68 7.31 -7.83
N LEU A 135 4.92 6.88 -7.61
CA LEU A 135 5.23 5.83 -6.65
C LEU A 135 5.93 6.37 -5.40
N ARG A 136 5.58 5.81 -4.24
CA ARG A 136 6.18 6.24 -2.99
C ARG A 136 6.47 5.06 -2.08
N GLY A 137 7.59 5.12 -1.36
CA GLY A 137 7.96 4.07 -0.44
C GLY A 137 7.93 2.70 -1.10
N ILE A 138 8.80 2.53 -2.09
CA ILE A 138 8.91 1.31 -2.86
C ILE A 138 9.03 0.03 -2.04
N PHE A 139 8.17 -0.92 -2.39
CA PHE A 139 8.08 -2.22 -1.76
C PHE A 139 7.92 -3.20 -2.92
N THR A 140 8.89 -4.09 -3.13
CA THR A 140 8.81 -5.05 -4.24
C THR A 140 8.58 -6.48 -3.80
N LEU A 141 8.38 -6.69 -2.51
CA LEU A 141 8.11 -8.02 -1.96
C LEU A 141 9.24 -9.05 -1.95
N ARG A 142 10.48 -8.64 -2.20
CA ARG A 142 11.59 -9.59 -2.15
C ARG A 142 11.71 -10.09 -0.72
N LYS A 143 12.14 -11.33 -0.56
CA LYS A 143 12.26 -11.90 0.77
C LYS A 143 13.15 -11.05 1.67
N GLN A 144 14.15 -10.40 1.09
CA GLN A 144 15.04 -9.54 1.86
C GLN A 144 14.22 -8.40 2.46
N ARG A 145 13.20 -7.95 1.73
CA ARG A 145 12.34 -6.87 2.20
C ARG A 145 11.45 -7.31 3.37
N LEU A 146 10.94 -8.54 3.30
CA LEU A 146 10.10 -9.07 4.37
C LEU A 146 10.93 -9.43 5.60
N HIS A 147 12.16 -9.88 5.37
CA HIS A 147 13.04 -10.26 6.47
C HIS A 147 13.44 -9.02 7.29
N TRP A 148 13.71 -7.93 6.58
CA TRP A 148 14.09 -6.69 7.21
C TRP A 148 13.04 -6.19 8.18
N TYR A 149 11.78 -6.19 7.74
CA TYR A 149 10.71 -5.68 8.57
C TYR A 149 10.05 -6.62 9.55
N TYR A 150 10.12 -7.92 9.32
CA TYR A 150 9.46 -8.86 10.21
C TYR A 150 10.32 -9.95 10.83
N GLN A 151 11.63 -9.91 10.64
CA GLN A 151 12.46 -10.95 11.23
C GLN A 151 13.66 -10.35 11.94
N ASP A 152 14.44 -9.57 11.21
CA ASP A 152 15.59 -8.92 11.82
C ASP A 152 16.04 -7.80 10.89
N GLY A 153 15.99 -6.58 11.41
CA GLY A 153 16.37 -5.41 10.65
C GLY A 153 15.85 -4.17 11.37
N ALA A 154 14.60 -3.82 11.10
CA ALA A 154 13.98 -2.66 11.73
C ALA A 154 13.96 -2.89 13.25
N SER A 155 13.91 -4.16 13.63
CA SER A 155 13.91 -4.55 15.02
C SER A 155 15.08 -3.94 15.79
N ARG A 156 16.20 -3.72 15.11
CA ARG A 156 17.37 -3.15 15.77
C ARG A 156 17.29 -1.63 15.95
N PHE A 157 16.30 -1.00 15.35
CA PHE A 157 16.11 0.42 15.51
C PHE A 157 15.03 0.67 16.56
N PHE A 158 14.13 -0.30 16.70
CA PHE A 158 13.04 -0.21 17.69
C PHE A 158 13.02 -1.47 18.54
N PRO A 159 14.13 -1.80 19.21
CA PRO A 159 14.21 -3.01 20.04
C PRO A 159 13.16 -3.09 21.14
N GLU A 160 12.81 -1.95 21.72
CA GLU A 160 11.81 -1.94 22.78
C GLU A 160 10.41 -2.24 22.24
N LYS A 161 10.18 -1.95 20.96
CA LYS A 161 8.87 -2.21 20.37
C LYS A 161 8.80 -3.64 19.81
N TRP A 162 9.93 -4.10 19.31
CA TRP A 162 10.02 -5.45 18.74
C TRP A 162 9.90 -6.49 19.85
N GLU A 163 10.24 -6.09 21.07
CA GLU A 163 10.15 -6.97 22.22
C GLU A 163 8.68 -7.32 22.46
N ARG A 164 7.80 -6.37 22.18
CA ARG A 164 6.37 -6.58 22.36
C ARG A 164 5.79 -7.53 21.33
N VAL A 165 6.25 -7.41 20.09
CA VAL A 165 5.77 -8.27 19.02
C VAL A 165 6.17 -9.72 19.32
N LEU A 166 7.36 -9.91 19.89
CA LEU A 166 7.83 -11.26 20.22
C LEU A 166 7.29 -11.83 21.53
N SER A 167 6.72 -10.98 22.38
CA SER A 167 6.25 -11.41 23.69
C SER A 167 5.33 -12.63 23.72
N ILE A 168 4.44 -12.76 22.74
CA ILE A 168 3.53 -13.89 22.73
C ILE A 168 4.08 -15.15 22.09
N LEU A 169 5.30 -15.06 21.54
CA LEU A 169 5.88 -16.22 20.88
C LEU A 169 6.84 -17.02 21.73
N SER A 170 6.85 -18.33 21.52
CA SER A 170 7.75 -19.21 22.26
C SER A 170 9.09 -19.05 21.56
N ASP A 171 10.16 -19.53 22.19
CA ASP A 171 11.49 -19.40 21.60
C ASP A 171 11.59 -19.98 20.20
N ASP A 172 10.89 -21.08 19.95
CA ASP A 172 10.96 -21.71 18.63
C ASP A 172 10.23 -20.89 17.57
N GLU A 173 9.12 -20.26 17.95
CA GLU A 173 8.34 -19.47 17.02
C GLU A 173 9.08 -18.21 16.57
N ARG A 174 9.93 -17.69 17.46
CA ARG A 174 10.68 -16.48 17.20
C ARG A 174 11.61 -16.55 16.00
N LYS A 175 11.91 -17.77 15.54
CA LYS A 175 12.79 -17.93 14.40
C LYS A 175 12.11 -17.60 13.07
N ASP A 176 10.78 -17.57 13.10
CA ASP A 176 9.99 -17.23 11.91
C ASP A 176 8.71 -16.55 12.38
N VAL A 177 8.83 -15.26 12.66
CA VAL A 177 7.72 -14.45 13.13
C VAL A 177 6.51 -14.45 12.20
N ILE A 178 6.73 -14.32 10.89
CA ILE A 178 5.61 -14.32 9.96
C ILE A 178 4.82 -15.63 10.08
N ALA A 179 5.51 -16.76 9.99
CA ALA A 179 4.86 -18.06 10.10
C ALA A 179 4.13 -18.21 11.43
N ALA A 180 4.78 -17.79 12.52
CA ALA A 180 4.18 -17.89 13.84
C ALA A 180 2.88 -17.10 13.90
N TYR A 181 2.92 -15.85 13.43
CA TYR A 181 1.72 -15.02 13.42
C TYR A 181 0.64 -15.58 12.50
N ARG A 182 1.05 -16.26 11.44
CA ARG A 182 0.09 -16.85 10.49
C ARG A 182 -0.84 -17.83 11.21
N GLN A 183 -0.29 -18.63 12.11
CA GLN A 183 -1.07 -19.61 12.88
C GLN A 183 -2.08 -18.93 13.79
N ARG A 184 -1.63 -17.92 14.51
CA ARG A 184 -2.50 -17.21 15.44
C ARG A 184 -3.58 -16.43 14.72
N LEU A 185 -3.23 -15.81 13.60
CA LEU A 185 -4.18 -15.03 12.81
C LEU A 185 -5.23 -15.91 12.13
N THR A 186 -4.93 -17.19 11.98
CA THR A 186 -5.87 -18.12 11.35
C THR A 186 -6.39 -19.17 12.35
N SER A 187 -6.38 -18.79 13.62
CA SER A 187 -6.87 -19.65 14.69
C SER A 187 -8.39 -19.65 14.68
N ALA A 188 -9.00 -20.73 15.19
CA ALA A 188 -10.46 -20.80 15.24
C ALA A 188 -10.96 -19.91 16.38
N ASP A 189 -10.05 -19.54 17.27
CA ASP A 189 -10.38 -18.69 18.41
C ASP A 189 -10.18 -17.21 18.04
N PRO A 190 -11.28 -16.46 17.90
CA PRO A 190 -11.19 -15.05 17.54
C PRO A 190 -10.40 -14.19 18.53
N GLN A 191 -10.40 -14.58 19.80
CA GLN A 191 -9.68 -13.83 20.82
C GLN A 191 -8.18 -13.96 20.57
N VAL A 192 -7.78 -15.13 20.08
CA VAL A 192 -6.37 -15.40 19.77
C VAL A 192 -6.00 -14.61 18.53
N GLN A 193 -6.92 -14.54 17.56
CA GLN A 193 -6.69 -13.80 16.33
C GLN A 193 -6.48 -12.32 16.63
N LEU A 194 -7.38 -11.75 17.41
CA LEU A 194 -7.31 -10.33 17.75
C LEU A 194 -6.08 -9.94 18.57
N GLU A 195 -5.66 -10.81 19.48
CA GLU A 195 -4.49 -10.49 20.30
C GLU A 195 -3.28 -10.31 19.38
N ALA A 196 -3.08 -11.27 18.49
CA ALA A 196 -1.96 -11.22 17.56
C ALA A 196 -2.12 -10.06 16.58
N ALA A 197 -3.34 -9.85 16.09
CA ALA A 197 -3.64 -8.79 15.13
C ALA A 197 -3.23 -7.41 15.65
N LYS A 198 -3.58 -7.11 16.90
CA LYS A 198 -3.24 -5.84 17.50
C LYS A 198 -1.74 -5.60 17.57
N LEU A 199 -1.01 -6.59 18.09
CA LEU A 199 0.44 -6.49 18.21
C LEU A 199 1.09 -6.25 16.86
N TRP A 200 0.74 -7.08 15.89
CA TRP A 200 1.27 -6.96 14.55
C TRP A 200 1.00 -5.58 13.92
N SER A 201 -0.21 -5.05 14.10
CA SER A 201 -0.60 -3.76 13.53
C SER A 201 0.06 -2.54 14.19
N VAL A 202 0.16 -2.56 15.51
CA VAL A 202 0.78 -1.48 16.25
C VAL A 202 2.28 -1.37 15.91
N TRP A 203 2.93 -2.52 15.71
CA TRP A 203 4.34 -2.54 15.33
C TRP A 203 4.52 -1.66 14.11
N GLU A 204 3.68 -1.86 13.10
CA GLU A 204 3.77 -1.06 11.90
C GLU A 204 3.34 0.37 12.15
N GLY A 205 2.26 0.56 12.91
CA GLY A 205 1.77 1.90 13.16
C GLY A 205 2.80 2.83 13.80
N GLU A 206 3.64 2.28 14.67
CA GLU A 206 4.63 3.07 15.39
C GLU A 206 6.01 3.19 14.73
N THR A 207 6.18 2.63 13.54
CA THR A 207 7.48 2.67 12.87
C THR A 207 7.39 3.25 11.47
N VAL A 208 6.23 3.80 11.15
CA VAL A 208 5.99 4.35 9.83
C VAL A 208 6.26 5.86 9.71
N THR A 209 6.50 6.52 10.85
CA THR A 209 6.81 7.96 10.86
C THR A 209 8.17 8.22 11.50
N LEU A 210 8.84 9.28 11.09
CA LEU A 210 10.15 9.62 11.65
C LEU A 210 10.02 9.80 13.16
N LEU A 211 9.08 10.65 13.56
CA LEU A 211 8.85 10.92 14.98
C LEU A 211 7.58 10.22 15.42
N PRO A 212 7.50 9.83 16.71
CA PRO A 212 6.30 9.16 17.18
C PRO A 212 5.09 10.09 17.11
N SER A 213 3.92 9.53 16.85
CA SER A 213 2.69 10.31 16.78
C SER A 213 1.58 9.53 17.47
N ARG A 214 0.63 10.26 18.06
CA ARG A 214 -0.50 9.64 18.77
C ARG A 214 -1.33 8.84 17.77
N GLU A 215 -1.36 9.30 16.53
CA GLU A 215 -2.10 8.64 15.46
C GLU A 215 -1.87 7.12 15.41
N SER A 216 -0.67 6.68 15.79
CA SER A 216 -0.32 5.27 15.78
C SER A 216 -1.26 4.35 16.57
N ALA A 217 -2.00 4.92 17.52
CA ALA A 217 -2.91 4.12 18.34
C ALA A 217 -4.13 3.62 17.56
N SER A 218 -4.50 4.31 16.48
CA SER A 218 -5.64 3.90 15.67
C SER A 218 -5.40 2.56 14.99
N PHE A 219 -4.14 2.14 14.91
CA PHE A 219 -3.77 0.85 14.31
C PHE A 219 -4.15 -0.27 15.28
N GLY A 220 -4.62 0.11 16.46
CA GLY A 220 -5.01 -0.87 17.45
C GLY A 220 -6.49 -1.18 17.49
N GLU A 221 -7.30 -0.40 16.78
CA GLU A 221 -8.74 -0.62 16.74
C GLU A 221 -9.02 -2.02 16.25
N ASP A 222 -9.86 -2.74 17.00
CA ASP A 222 -10.20 -4.13 16.71
C ASP A 222 -10.52 -4.49 15.26
N ASP A 223 -11.53 -3.85 14.68
CA ASP A 223 -11.91 -4.17 13.31
C ASP A 223 -10.80 -3.91 12.28
N PHE A 224 -10.16 -2.75 12.36
CA PHE A 224 -9.08 -2.41 11.44
C PHE A 224 -7.88 -3.35 11.57
N ALA A 225 -7.43 -3.54 12.80
CA ALA A 225 -6.28 -4.38 13.09
C ALA A 225 -6.47 -5.81 12.60
N LEU A 226 -7.66 -6.34 12.84
CA LEU A 226 -8.00 -7.70 12.47
C LEU A 226 -7.84 -7.94 10.96
N ALA A 227 -8.38 -7.04 10.15
CA ALA A 227 -8.29 -7.20 8.70
C ALA A 227 -6.91 -6.83 8.17
N PHE A 228 -6.29 -5.84 8.80
CA PHE A 228 -4.96 -5.38 8.39
C PHE A 228 -3.95 -6.52 8.56
N ALA A 229 -3.90 -7.08 9.77
CA ALA A 229 -2.97 -8.16 10.07
C ALA A 229 -3.20 -9.42 9.23
N ARG A 230 -4.45 -9.90 9.20
CA ARG A 230 -4.77 -11.10 8.44
C ARG A 230 -4.38 -10.99 6.99
N ILE A 231 -4.74 -9.87 6.38
CA ILE A 231 -4.45 -9.65 4.97
C ILE A 231 -2.96 -9.44 4.70
N GLU A 232 -2.30 -8.61 5.51
CA GLU A 232 -0.87 -8.38 5.32
C GLU A 232 -0.11 -9.70 5.47
N ASN A 233 -0.36 -10.38 6.58
CA ASN A 233 0.28 -11.64 6.88
C ASN A 233 -0.01 -12.68 5.81
N HIS A 234 -1.22 -12.64 5.27
CA HIS A 234 -1.62 -13.58 4.23
C HIS A 234 -0.75 -13.39 2.99
N TYR A 235 -0.69 -12.15 2.50
CA TYR A 235 0.11 -11.83 1.32
C TYR A 235 1.60 -12.12 1.50
N PHE A 236 2.13 -11.88 2.70
CA PHE A 236 3.53 -12.11 2.95
C PHE A 236 3.81 -13.60 3.06
N THR A 237 2.90 -14.33 3.69
CA THR A 237 3.07 -15.76 3.81
C THR A 237 3.22 -16.37 2.42
N HIS A 238 2.53 -15.80 1.44
CA HIS A 238 2.59 -16.32 0.07
C HIS A 238 3.51 -15.53 -0.87
N LEU A 239 4.48 -14.83 -0.29
CA LEU A 239 5.42 -14.04 -1.09
C LEU A 239 4.74 -13.19 -2.16
N GLY A 240 3.65 -12.54 -1.78
CA GLY A 240 2.93 -11.69 -2.72
C GLY A 240 2.38 -12.38 -3.95
N PHE A 241 2.46 -13.71 -3.99
CA PHE A 241 1.96 -14.49 -5.12
C PHE A 241 2.73 -14.18 -6.40
N LEU A 242 4.04 -14.00 -6.26
CA LEU A 242 4.91 -13.71 -7.39
C LEU A 242 5.63 -14.99 -7.82
N GLU A 243 5.97 -15.08 -9.11
CA GLU A 243 6.66 -16.25 -9.64
C GLU A 243 8.10 -16.26 -9.12
N SER A 244 8.71 -15.09 -9.09
CA SER A 244 10.08 -14.96 -8.62
C SER A 244 10.20 -13.96 -7.48
N ASP A 245 11.34 -14.01 -6.78
CA ASP A 245 11.60 -13.12 -5.67
C ASP A 245 11.65 -11.69 -6.22
N ASP A 246 12.29 -11.53 -7.37
CA ASP A 246 12.43 -10.21 -8.00
C ASP A 246 11.63 -10.06 -9.30
N GLN A 247 10.45 -10.64 -9.35
CA GLN A 247 9.61 -10.54 -10.54
C GLN A 247 9.31 -9.09 -10.91
N LEU A 248 8.98 -8.28 -9.91
CA LEU A 248 8.65 -6.88 -10.16
C LEU A 248 9.79 -6.03 -10.71
N LEU A 249 11.03 -6.31 -10.30
CA LEU A 249 12.16 -5.57 -10.83
C LEU A 249 12.56 -6.16 -12.17
N ARG A 250 12.43 -7.48 -12.28
CA ARG A 250 12.77 -8.21 -13.48
C ARG A 250 11.91 -7.81 -14.69
N ASN A 251 10.68 -7.38 -14.45
CA ASN A 251 9.77 -6.99 -15.53
C ASN A 251 9.63 -5.49 -15.76
N VAL A 252 10.52 -4.70 -15.17
CA VAL A 252 10.46 -3.25 -15.35
C VAL A 252 10.60 -2.85 -16.84
N PRO A 253 11.29 -3.68 -17.66
CA PRO A 253 11.44 -3.33 -19.08
C PRO A 253 10.10 -3.00 -19.73
N LEU A 254 9.07 -3.72 -19.30
CA LEU A 254 7.71 -3.55 -19.82
C LEU A 254 7.07 -2.19 -19.55
N ILE A 255 7.63 -1.40 -18.64
CA ILE A 255 7.03 -0.11 -18.33
C ILE A 255 7.97 1.09 -18.31
N ARG A 256 9.22 0.88 -18.74
CA ARG A 256 10.18 1.98 -18.75
C ARG A 256 9.72 3.17 -19.56
N HIS A 257 8.91 2.92 -20.58
CA HIS A 257 8.40 3.98 -21.45
C HIS A 257 7.36 4.87 -20.77
N ILE A 258 6.91 4.44 -19.59
CA ILE A 258 5.89 5.17 -18.83
C ILE A 258 6.48 6.21 -17.89
N PRO A 259 6.00 7.47 -17.97
CA PRO A 259 6.46 8.57 -17.12
C PRO A 259 6.20 8.26 -15.63
N ALA A 260 7.23 8.38 -14.81
CA ALA A 260 7.09 8.09 -13.40
C ALA A 260 7.94 8.93 -12.47
N VAL A 261 7.48 9.04 -11.23
CA VAL A 261 8.16 9.77 -10.19
C VAL A 261 8.19 8.83 -8.97
N ILE A 262 9.35 8.77 -8.32
CA ILE A 262 9.53 7.92 -7.15
C ILE A 262 9.94 8.75 -5.95
N VAL A 263 9.12 8.74 -4.90
CA VAL A 263 9.42 9.48 -3.69
C VAL A 263 9.67 8.47 -2.58
N HIS A 264 10.77 8.62 -1.84
CA HIS A 264 11.07 7.67 -0.77
C HIS A 264 11.85 8.32 0.37
N GLY A 265 11.34 8.16 1.59
CA GLY A 265 12.02 8.72 2.75
C GLY A 265 13.34 8.05 3.06
N ARG A 266 14.36 8.86 3.33
CA ARG A 266 15.69 8.36 3.66
C ARG A 266 15.61 7.38 4.83
N TYR A 267 14.84 7.75 5.86
CA TYR A 267 14.71 6.91 7.04
C TYR A 267 13.40 6.13 7.11
N ASP A 268 12.95 5.67 5.94
CA ASP A 268 11.74 4.86 5.86
C ASP A 268 12.15 3.52 6.46
N MET A 269 11.55 3.19 7.60
CA MET A 269 11.87 1.96 8.31
C MET A 269 11.06 0.74 7.89
N ALA A 270 9.99 0.95 7.11
CA ALA A 270 9.15 -0.16 6.67
C ALA A 270 9.70 -0.70 5.34
N CYS A 271 10.11 0.20 4.47
CA CYS A 271 10.67 -0.13 3.17
C CYS A 271 11.98 0.63 3.01
N GLN A 272 13.09 -0.09 2.94
CA GLN A 272 14.38 0.58 2.81
C GLN A 272 14.58 1.29 1.49
N VAL A 273 15.29 2.41 1.56
CA VAL A 273 15.60 3.22 0.38
C VAL A 273 16.21 2.35 -0.71
N GLN A 274 16.93 1.32 -0.31
CA GLN A 274 17.56 0.39 -1.24
C GLN A 274 16.59 0.00 -2.34
N ASN A 275 15.33 -0.24 -1.97
CA ASN A 275 14.31 -0.64 -2.93
C ASN A 275 14.08 0.43 -3.97
N ALA A 276 14.03 1.68 -3.54
CA ALA A 276 13.82 2.79 -4.48
C ALA A 276 15.04 2.92 -5.39
N TRP A 277 16.22 2.70 -4.82
CA TRP A 277 17.47 2.80 -5.57
C TRP A 277 17.56 1.70 -6.61
N ASP A 278 17.22 0.48 -6.20
CA ASP A 278 17.24 -0.67 -7.11
C ASP A 278 16.29 -0.42 -8.27
N LEU A 279 15.10 0.10 -7.95
CA LEU A 279 14.12 0.37 -8.98
C LEU A 279 14.62 1.43 -9.96
N ALA A 280 15.19 2.51 -9.42
CA ALA A 280 15.70 3.61 -10.24
C ALA A 280 16.84 3.17 -11.15
N LYS A 281 17.65 2.22 -10.67
CA LYS A 281 18.77 1.68 -11.45
C LYS A 281 18.25 0.93 -12.66
N ALA A 282 17.12 0.24 -12.49
CA ALA A 282 16.54 -0.52 -13.60
C ALA A 282 15.62 0.37 -14.43
N TRP A 283 15.29 1.53 -13.90
CA TRP A 283 14.39 2.45 -14.58
C TRP A 283 15.00 3.86 -14.63
N PRO A 284 15.98 4.07 -15.53
CA PRO A 284 16.68 5.35 -15.71
C PRO A 284 15.75 6.54 -15.97
N GLU A 285 14.72 6.31 -16.79
CA GLU A 285 13.76 7.36 -17.14
C GLU A 285 13.06 7.96 -15.93
N ALA A 286 12.79 7.13 -14.93
CA ALA A 286 12.08 7.59 -13.73
C ALA A 286 12.81 8.69 -12.96
N GLU A 287 12.03 9.58 -12.38
CA GLU A 287 12.54 10.69 -11.59
C GLU A 287 12.53 10.27 -10.11
N LEU A 288 13.72 10.10 -9.53
CA LEU A 288 13.86 9.68 -8.14
C LEU A 288 14.04 10.83 -7.15
N HIS A 289 13.37 10.71 -6.01
CA HIS A 289 13.46 11.71 -4.96
C HIS A 289 13.64 11.06 -3.61
N ILE A 290 14.84 11.13 -3.08
CA ILE A 290 15.11 10.59 -1.77
C ILE A 290 14.93 11.77 -0.85
N VAL A 291 13.85 11.75 -0.07
CA VAL A 291 13.55 12.84 0.84
C VAL A 291 14.34 12.68 2.13
N GLU A 292 15.24 13.63 2.40
CA GLU A 292 16.05 13.61 3.62
C GLU A 292 15.16 13.92 4.82
N GLY A 293 15.49 13.36 5.98
CA GLY A 293 14.72 13.61 7.19
C GLY A 293 13.29 13.08 7.23
N ALA A 294 12.95 12.15 6.34
CA ALA A 294 11.59 11.61 6.33
C ALA A 294 11.52 10.10 6.57
N GLY A 295 10.36 9.68 7.08
CA GLY A 295 10.11 8.28 7.35
C GLY A 295 9.36 7.66 6.19
N HIS A 296 8.48 6.71 6.50
CA HIS A 296 7.70 6.00 5.49
C HIS A 296 6.39 6.64 5.04
N SER A 297 5.60 7.11 6.00
CA SER A 297 4.28 7.68 5.76
C SER A 297 4.17 8.77 4.67
N TYR A 298 3.09 8.70 3.91
CA TYR A 298 2.83 9.64 2.82
C TYR A 298 2.72 11.08 3.34
N ASP A 299 2.24 11.25 4.57
CA ASP A 299 2.08 12.59 5.11
C ASP A 299 3.30 13.17 5.83
N GLU A 300 4.47 12.58 5.62
CA GLU A 300 5.68 13.13 6.22
C GLU A 300 5.80 14.42 5.42
N PRO A 301 5.90 15.58 6.08
CA PRO A 301 6.00 16.88 5.41
C PRO A 301 6.79 16.89 4.10
N GLY A 302 8.01 16.37 4.15
CA GLY A 302 8.86 16.35 2.96
C GLY A 302 8.40 15.41 1.86
N ILE A 303 7.74 14.32 2.24
CA ILE A 303 7.25 13.34 1.26
C ILE A 303 5.97 13.88 0.62
N LEU A 304 5.10 14.46 1.45
CA LEU A 304 3.83 15.03 0.98
C LEU A 304 4.13 16.12 -0.05
N HIS A 305 5.11 16.96 0.28
CA HIS A 305 5.51 18.04 -0.61
C HIS A 305 5.84 17.54 -2.02
N GLN A 306 6.63 16.49 -2.12
CA GLN A 306 7.02 15.93 -3.41
C GLN A 306 5.87 15.24 -4.16
N LEU A 307 4.90 14.70 -3.41
CA LEU A 307 3.78 14.02 -4.03
C LEU A 307 2.81 15.03 -4.66
N MET A 308 2.56 16.13 -3.95
CA MET A 308 1.67 17.17 -4.45
C MET A 308 2.28 17.73 -5.73
N ILE A 309 3.55 18.10 -5.66
CA ILE A 309 4.26 18.64 -6.80
C ILE A 309 4.24 17.63 -7.95
N ALA A 310 4.21 16.36 -7.61
CA ALA A 310 4.19 15.34 -8.65
C ALA A 310 2.85 15.27 -9.36
N THR A 311 1.76 15.28 -8.59
CA THR A 311 0.43 15.19 -9.19
C THR A 311 0.05 16.46 -9.96
N ASP A 312 0.42 17.63 -9.43
CA ASP A 312 0.13 18.89 -10.11
C ASP A 312 0.85 18.90 -11.44
N ARG A 313 2.10 18.46 -11.42
CA ARG A 313 2.93 18.41 -12.61
C ARG A 313 2.27 17.63 -13.75
N PHE A 314 1.81 16.41 -13.45
CA PHE A 314 1.19 15.57 -14.47
C PHE A 314 -0.16 16.07 -14.96
N ALA A 315 -0.74 17.03 -14.25
CA ALA A 315 -2.04 17.58 -14.62
C ALA A 315 -1.89 19.00 -15.20
N GLY A 316 -0.65 19.51 -15.26
CA GLY A 316 -0.41 20.85 -15.77
C GLY A 316 0.16 21.74 -14.67
#